data_2Y63
#
_entry.id   2Y63
#
_cell.length_a   99.880
_cell.length_b   50.663
_cell.length_c   58.830
_cell.angle_alpha   90.00
_cell.angle_beta   118.14
_cell.angle_gamma   90.00
#
_symmetry.space_group_name_H-M   'C 1 2 1'
#
loop_
_entity.id
_entity.type
_entity.pdbx_description
1 polymer 'TRIOSEPHOSPHATE ISOMERASE'
2 non-polymer '(3-bromo-2-oxo-propoxy)phosphonic acid'
3 water water
#
_entity_poly.entity_id   1
_entity_poly.type   'polypeptide(L)'
_entity_poly.pdbx_seq_one_letter_code
;MSAKPQPIAAANWKCNGTTASIEKLVQVFNEHTISHDVQCVVAPTFVHIPLVQAKLRNPKYVISAQNAIAKSGAFTGEVS
MPILKDIGVHWVILGHSERRTYYGETDEIVAQKVSEACKQGFMVIACIGETLQQREANQTAKVVLSQTSAIAAKLTKDAW
NQVVLAYEPVWAIGTGKVATPEQAQEVHLLLRKWVSENIGTDVAAKLRILYGGSVNAANAATLYAKPDINGFLVGGASLK
PEFRDIIDATR
;
_entity_poly.pdbx_strand_id   A
#
# COMPACT_ATOMS: atom_id res chain seq x y z
N ALA A 3 11.57 -17.68 6.02
CA ALA A 3 11.76 -16.30 6.58
C ALA A 3 10.96 -15.27 5.78
N LYS A 4 10.44 -14.27 6.48
CA LYS A 4 9.64 -13.22 5.85
C LYS A 4 10.43 -12.45 4.81
N PRO A 5 9.77 -12.02 3.72
CA PRO A 5 10.44 -11.14 2.77
C PRO A 5 10.64 -9.77 3.42
N GLN A 6 11.38 -8.89 2.74
CA GLN A 6 11.62 -7.52 3.21
C GLN A 6 10.30 -6.81 3.56
N PRO A 7 10.16 -6.31 4.80
CA PRO A 7 8.96 -5.58 5.17
C PRO A 7 8.83 -4.21 4.48
N ILE A 8 7.60 -3.71 4.42
CA ILE A 8 7.33 -2.37 3.91
C ILE A 8 6.54 -1.59 4.96
N ALA A 9 6.93 -0.34 5.16
CA ALA A 9 6.17 0.59 5.98
C ALA A 9 5.80 1.76 5.07
N ALA A 10 4.53 1.82 4.67
CA ALA A 10 4.08 2.78 3.67
C ALA A 10 3.15 3.84 4.26
N ALA A 11 3.48 5.09 3.96
CA ALA A 11 2.72 6.26 4.43
C ALA A 11 1.80 6.77 3.32
N ASN A 12 0.50 6.59 3.49
CA ASN A 12 -0.48 7.26 2.62
C ASN A 12 -0.95 8.53 3.30
N TRP A 13 -0.40 9.65 2.88
CA TRP A 13 -0.73 10.94 3.48
C TRP A 13 -2.11 11.44 3.09
N LYS A 14 -2.70 10.80 2.08
CA LYS A 14 -4.02 11.19 1.55
C LYS A 14 -4.00 12.68 1.18
N CYS A 15 -5.13 13.36 1.29
CA CYS A 15 -5.19 14.74 0.82
C CYS A 15 -4.88 15.68 1.98
N ASN A 16 -3.61 15.68 2.41
CA ASN A 16 -3.19 16.42 3.60
C ASN A 16 -1.78 16.99 3.47
N GLY A 17 -1.58 18.18 4.03
CA GLY A 17 -0.26 18.75 4.17
C GLY A 17 -0.14 20.19 3.72
N THR A 18 0.81 20.90 4.33
CA THR A 18 1.25 22.20 3.87
C THR A 18 2.76 22.08 3.63
N THR A 19 3.36 23.04 2.95
CA THR A 19 4.81 22.97 2.74
C THR A 19 5.54 22.98 4.08
N ALA A 20 5.04 23.78 5.04
CA ALA A 20 5.64 23.87 6.36
C ALA A 20 5.52 22.54 7.11
N SER A 21 4.33 21.93 7.10
CA SER A 21 4.11 20.68 7.85
C SER A 21 4.90 19.52 7.27
N ILE A 22 4.97 19.48 5.94
CA ILE A 22 5.73 18.46 5.23
C ILE A 22 7.23 18.63 5.46
N GLU A 23 7.74 19.87 5.42
CA GLU A 23 9.16 20.09 5.70
C GLU A 23 9.54 19.61 7.11
N LYS A 24 8.70 19.93 8.10
CA LYS A 24 8.92 19.47 9.48
C LYS A 24 8.87 17.95 9.62
N LEU A 25 7.84 17.33 9.05
CA LEU A 25 7.65 15.88 9.18
C LEU A 25 8.74 15.11 8.45
N VAL A 26 9.14 15.60 7.28
CA VAL A 26 10.24 14.99 6.51
C VAL A 26 11.57 15.09 7.28
N GLN A 27 11.81 16.22 7.95
CA GLN A 27 12.99 16.33 8.81
C GLN A 27 13.00 15.27 9.92
N VAL A 28 11.83 15.04 10.51
CA VAL A 28 11.66 14.01 11.52
C VAL A 28 12.01 12.63 10.96
N PHE A 29 11.49 12.34 9.76
CA PHE A 29 11.76 11.07 9.07
C PHE A 29 13.24 10.92 8.71
N ASN A 30 13.85 12.01 8.24
CA ASN A 30 15.29 12.03 7.92
C ASN A 30 16.18 11.73 9.12
N GLU A 31 15.84 12.31 10.27
CA GLU A 31 16.66 12.22 11.48
C GLU A 31 16.49 10.88 12.22
N HIS A 32 15.46 10.13 11.84
CA HIS A 32 15.21 8.80 12.37
C HIS A 32 16.09 7.78 11.65
N THR A 33 17.14 7.31 12.32
CA THR A 33 18.11 6.39 11.72
C THR A 33 17.59 4.97 11.78
N ILE A 34 17.39 4.37 10.61
CA ILE A 34 16.81 3.03 10.51
C ILE A 34 17.93 2.01 10.22
N SER A 35 18.02 0.99 11.06
CA SER A 35 19.14 0.05 10.99
C SER A 35 18.74 -1.41 10.71
N HIS A 36 17.57 -1.61 10.13
CA HIS A 36 17.20 -2.93 9.64
C HIS A 36 16.71 -2.85 8.20
N ASP A 37 16.58 -4.00 7.54
CA ASP A 37 16.14 -4.05 6.16
C ASP A 37 14.63 -3.83 6.06
N VAL A 38 14.25 -2.66 5.55
CA VAL A 38 12.84 -2.30 5.36
C VAL A 38 12.72 -1.27 4.24
N GLN A 39 11.69 -1.42 3.41
CA GLN A 39 11.36 -0.41 2.43
C GLN A 39 10.34 0.55 3.00
N CYS A 40 10.76 1.78 3.25
CA CYS A 40 9.81 2.82 3.63
C CYS A 40 9.29 3.53 2.38
N VAL A 41 8.02 3.92 2.42
CA VAL A 41 7.35 4.54 1.28
C VAL A 41 6.53 5.73 1.80
N VAL A 42 6.69 6.88 1.16
CA VAL A 42 5.83 8.04 1.43
C VAL A 42 5.06 8.41 0.16
N ALA A 43 3.75 8.48 0.29
CA ALA A 43 2.88 8.89 -0.80
C ALA A 43 2.20 10.22 -0.48
N PRO A 44 2.78 11.34 -0.95
CA PRO A 44 2.17 12.65 -0.76
C PRO A 44 1.16 12.95 -1.87
N THR A 45 0.41 14.04 -1.75
CA THR A 45 -0.44 14.47 -2.86
C THR A 45 0.47 14.76 -4.05
N PHE A 46 -0.08 14.71 -5.26
CA PHE A 46 0.69 14.98 -6.47
C PHE A 46 1.49 16.30 -6.39
N VAL A 47 0.85 17.37 -5.91
CA VAL A 47 1.47 18.71 -5.94
C VAL A 47 2.63 18.81 -4.95
N HIS A 48 2.65 17.89 -3.99
CA HIS A 48 3.70 17.85 -2.96
C HIS A 48 4.84 16.91 -3.31
N ILE A 49 4.70 16.17 -4.41
CA ILE A 49 5.74 15.20 -4.77
C ILE A 49 7.14 15.85 -4.94
N PRO A 50 7.24 16.95 -5.71
CA PRO A 50 8.57 17.59 -5.84
C PRO A 50 9.19 18.10 -4.53
N LEU A 51 8.38 18.65 -3.62
CA LEU A 51 8.89 19.06 -2.30
C LEU A 51 9.50 17.89 -1.53
N VAL A 52 8.76 16.78 -1.49
CA VAL A 52 9.23 15.56 -0.82
C VAL A 52 10.48 15.01 -1.53
N GLN A 53 10.49 15.02 -2.86
CA GLN A 53 11.68 14.63 -3.60
C GLN A 53 12.90 15.47 -3.22
N ALA A 54 12.67 16.76 -3.01
CA ALA A 54 13.74 17.71 -2.69
C ALA A 54 14.26 17.58 -1.25
N LYS A 55 13.39 17.20 -0.32
CA LYS A 55 13.72 17.23 1.12
C LYS A 55 13.99 15.87 1.77
N LEU A 56 13.32 14.83 1.28
CA LEU A 56 13.43 13.51 1.88
C LEU A 56 14.74 12.88 1.46
N ARG A 57 15.55 12.50 2.46
CA ARG A 57 16.88 11.96 2.20
C ARG A 57 17.16 10.62 2.86
N ASN A 58 16.30 10.20 3.79
CA ASN A 58 16.50 8.92 4.46
C ASN A 58 16.63 7.79 3.42
N PRO A 59 17.75 7.05 3.44
CA PRO A 59 18.05 6.07 2.39
C PRO A 59 17.09 4.88 2.32
N LYS A 60 16.29 4.69 3.37
CA LYS A 60 15.31 3.59 3.42
C LYS A 60 13.99 3.93 2.71
N TYR A 61 13.86 5.16 2.22
CA TYR A 61 12.60 5.64 1.67
C TYR A 61 12.54 5.73 0.15
N VAL A 62 11.36 5.44 -0.40
CA VAL A 62 11.03 5.75 -1.78
C VAL A 62 9.75 6.59 -1.78
N ILE A 63 9.48 7.30 -2.88
CA ILE A 63 8.29 8.13 -2.99
C ILE A 63 7.27 7.47 -3.93
N SER A 64 6.01 7.50 -3.52
CA SER A 64 4.92 6.87 -4.27
C SER A 64 3.85 7.89 -4.64
N ALA A 65 3.16 7.65 -5.75
CA ALA A 65 1.92 8.37 -6.03
C ALA A 65 0.75 7.68 -5.31
N GLN A 66 -0.32 8.43 -5.05
CA GLN A 66 -1.49 7.90 -4.36
C GLN A 66 -2.50 7.28 -5.34
N ASN A 67 -2.31 7.56 -6.62
CA ASN A 67 -3.18 7.12 -7.70
C ASN A 67 -2.51 7.52 -9.01
N ALA A 68 -3.01 6.98 -10.13
CA ALA A 68 -2.59 7.40 -11.46
C ALA A 68 -3.56 6.85 -12.49
N ILE A 69 -3.55 7.44 -13.67
CA ILE A 69 -4.18 6.81 -14.84
C ILE A 69 -3.07 6.28 -15.74
N ALA A 70 -3.41 5.32 -16.61
CA ALA A 70 -2.43 4.59 -17.39
C ALA A 70 -1.73 5.40 -18.48
N LYS A 71 -2.48 6.26 -19.17
CA LYS A 71 -1.98 6.95 -20.35
C LYS A 71 -2.17 8.46 -20.31
N SER A 72 -1.18 9.19 -20.84
CA SER A 72 -1.28 10.63 -21.01
C SER A 72 -2.32 10.96 -22.07
N GLY A 73 -2.81 12.20 -22.06
CA GLY A 73 -3.78 12.66 -23.04
C GLY A 73 -4.75 13.68 -22.48
N ALA A 74 -5.95 13.73 -23.07
CA ALA A 74 -6.93 14.76 -22.76
C ALA A 74 -7.74 14.42 -21.52
N PHE A 75 -7.05 14.34 -20.38
CA PHE A 75 -7.67 13.96 -19.12
C PHE A 75 -7.40 15.03 -18.07
N THR A 76 -8.15 16.12 -18.17
CA THR A 76 -7.98 17.28 -17.29
C THR A 76 -8.09 16.88 -15.83
N GLY A 77 -7.07 17.26 -15.05
CA GLY A 77 -7.05 17.02 -13.61
C GLY A 77 -6.32 15.75 -13.20
N GLU A 78 -6.05 14.87 -14.16
CA GLU A 78 -5.45 13.58 -13.85
C GLU A 78 -3.94 13.56 -14.09
N VAL A 79 -3.26 12.62 -13.44
CA VAL A 79 -1.81 12.41 -13.59
C VAL A 79 -1.56 10.99 -14.08
N SER A 80 -0.81 10.86 -15.18
CA SER A 80 -0.58 9.57 -15.81
C SER A 80 0.69 8.88 -15.32
N MET A 81 0.77 7.57 -15.58
CA MET A 81 1.94 6.77 -15.21
C MET A 81 3.24 7.17 -15.94
N PRO A 82 3.16 7.48 -17.26
CA PRO A 82 4.37 7.99 -17.91
C PRO A 82 4.87 9.31 -17.31
N ILE A 83 3.94 10.18 -16.90
CA ILE A 83 4.31 11.45 -16.27
C ILE A 83 5.06 11.22 -14.94
N LEU A 84 4.52 10.32 -14.11
CA LEU A 84 5.17 9.97 -12.85
C LEU A 84 6.56 9.36 -13.06
N LYS A 85 6.65 8.43 -14.00
CA LYS A 85 7.90 7.78 -14.32
C LYS A 85 8.98 8.79 -14.72
N ASP A 86 8.58 9.74 -15.56
CA ASP A 86 9.49 10.80 -16.02
C ASP A 86 10.01 11.69 -14.89
N ILE A 87 9.16 12.04 -13.92
CA ILE A 87 9.63 12.85 -12.78
C ILE A 87 10.27 12.00 -11.66
N GLY A 88 10.42 10.70 -11.91
CA GLY A 88 11.18 9.84 -10.99
C GLY A 88 10.37 9.16 -9.91
N VAL A 89 9.05 9.07 -10.10
CA VAL A 89 8.21 8.30 -9.19
C VAL A 89 7.88 6.97 -9.86
N HIS A 90 8.30 5.87 -9.23
CA HIS A 90 8.09 4.54 -9.79
C HIS A 90 7.40 3.60 -8.81
N TRP A 91 6.72 4.20 -7.83
CA TRP A 91 5.78 3.50 -6.96
C TRP A 91 4.41 4.16 -7.09
N VAL A 92 3.35 3.35 -6.96
CA VAL A 92 1.99 3.88 -7.00
C VAL A 92 1.06 3.02 -6.15
N ILE A 93 0.17 3.68 -5.42
CA ILE A 93 -0.92 3.03 -4.71
C ILE A 93 -2.11 2.99 -5.66
N LEU A 94 -2.75 1.83 -5.78
CA LEU A 94 -3.91 1.69 -6.65
C LEU A 94 -5.04 0.92 -5.99
N GLY A 95 -6.27 1.30 -6.32
CA GLY A 95 -7.45 0.63 -5.78
C GLY A 95 -7.79 0.97 -4.34
N HIS A 96 -7.25 2.07 -3.83
CA HIS A 96 -7.54 2.51 -2.46
C HIS A 96 -9.06 2.70 -2.32
N SER A 97 -9.58 2.42 -1.13
CA SER A 97 -11.02 2.18 -0.93
C SER A 97 -11.97 3.30 -1.33
N GLU A 98 -11.68 4.54 -0.92
CA GLU A 98 -12.58 5.64 -1.28
C GLU A 98 -12.64 5.88 -2.80
N ARG A 99 -11.55 5.56 -3.49
CA ARG A 99 -11.51 5.57 -4.96
C ARG A 99 -12.39 4.47 -5.57
N ARG A 100 -12.29 3.26 -5.04
CA ARG A 100 -13.18 2.19 -5.45
C ARG A 100 -14.63 2.59 -5.22
N THR A 101 -14.91 3.16 -4.05
CA THR A 101 -16.27 3.38 -3.58
C THR A 101 -16.95 4.61 -4.18
N TYR A 102 -16.19 5.69 -4.35
CA TYR A 102 -16.78 6.97 -4.76
C TYR A 102 -16.34 7.48 -6.14
N TYR A 103 -15.14 7.11 -6.58
CA TYR A 103 -14.63 7.58 -7.86
C TYR A 103 -14.70 6.52 -8.96
N GLY A 104 -15.56 5.52 -8.76
CA GLY A 104 -15.91 4.54 -9.79
C GLY A 104 -14.92 3.44 -10.14
N GLU A 105 -13.90 3.23 -9.32
CA GLU A 105 -12.87 2.23 -9.64
C GLU A 105 -13.33 0.81 -9.29
N THR A 106 -13.91 0.13 -10.28
CA THR A 106 -14.36 -1.26 -10.17
C THR A 106 -13.18 -2.23 -10.12
N ASP A 107 -13.44 -3.49 -9.79
CA ASP A 107 -12.41 -4.54 -9.80
C ASP A 107 -11.67 -4.57 -11.15
N GLU A 108 -12.44 -4.50 -12.24
CA GLU A 108 -11.89 -4.47 -13.60
C GLU A 108 -10.97 -3.29 -13.84
N ILE A 109 -11.44 -2.10 -13.42
CA ILE A 109 -10.68 -0.86 -13.60
C ILE A 109 -9.40 -0.89 -12.77
N VAL A 110 -9.49 -1.36 -11.53
CA VAL A 110 -8.31 -1.46 -10.66
C VAL A 110 -7.30 -2.46 -11.25
N ALA A 111 -7.79 -3.63 -11.63
CA ALA A 111 -6.94 -4.65 -12.25
C ALA A 111 -6.22 -4.11 -13.50
N GLN A 112 -6.96 -3.37 -14.32
CA GLN A 112 -6.36 -2.76 -15.51
C GLN A 112 -5.27 -1.76 -15.15
N LYS A 113 -5.55 -0.89 -14.18
CA LYS A 113 -4.55 0.07 -13.68
C LYS A 113 -3.29 -0.65 -13.18
N VAL A 114 -3.48 -1.68 -12.37
CA VAL A 114 -2.34 -2.46 -11.83
C VAL A 114 -1.50 -3.05 -12.96
N SER A 115 -2.18 -3.61 -13.96
CA SER A 115 -1.52 -4.24 -15.10
C SER A 115 -0.66 -3.22 -15.86
N GLU A 116 -1.24 -2.05 -16.14
CA GLU A 116 -0.54 -1.00 -16.88
C GLU A 116 0.65 -0.46 -16.08
N ALA A 117 0.47 -0.30 -14.77
CA ALA A 117 1.56 0.15 -13.90
C ALA A 117 2.73 -0.85 -13.91
N CYS A 118 2.42 -2.14 -13.81
CA CYS A 118 3.46 -3.17 -13.90
C CYS A 118 4.19 -3.12 -15.25
N LYS A 119 3.43 -2.96 -16.33
CA LYS A 119 4.00 -2.85 -17.67
C LYS A 119 4.94 -1.66 -17.79
N GLN A 120 4.62 -0.59 -17.07
CA GLN A 120 5.42 0.62 -17.11
C GLN A 120 6.52 0.64 -16.04
N GLY A 121 6.76 -0.51 -15.41
CA GLY A 121 7.86 -0.68 -14.48
C GLY A 121 7.66 -0.14 -13.07
N PHE A 122 6.40 0.02 -12.67
CA PHE A 122 6.08 0.50 -11.32
C PHE A 122 6.13 -0.64 -10.31
N MET A 123 6.53 -0.30 -9.08
CA MET A 123 6.16 -1.10 -7.92
C MET A 123 4.75 -0.66 -7.57
N VAL A 124 3.85 -1.61 -7.33
CA VAL A 124 2.45 -1.30 -7.08
C VAL A 124 2.00 -1.78 -5.71
N ILE A 125 1.42 -0.87 -4.92
CA ILE A 125 0.66 -1.27 -3.72
C ILE A 125 -0.82 -1.35 -4.09
N ALA A 126 -1.28 -2.58 -4.34
CA ALA A 126 -2.66 -2.82 -4.75
C ALA A 126 -3.52 -3.08 -3.51
N CYS A 127 -4.55 -2.25 -3.32
CA CYS A 127 -5.39 -2.32 -2.14
C CYS A 127 -6.59 -3.23 -2.35
N ILE A 128 -6.83 -4.10 -1.38
CA ILE A 128 -7.98 -5.00 -1.37
C ILE A 128 -8.62 -4.96 0.01
N GLY A 129 -9.86 -5.44 0.13
CA GLY A 129 -10.51 -5.48 1.44
C GLY A 129 -12.03 -5.45 1.37
N GLU A 130 -12.65 -6.08 2.36
CA GLU A 130 -14.11 -6.18 2.47
C GLU A 130 -14.73 -5.02 3.26
N THR A 131 -16.03 -4.80 3.02
CA THR A 131 -16.81 -3.83 3.77
C THR A 131 -17.31 -4.47 5.06
N LEU A 132 -17.81 -3.63 5.97
CA LEU A 132 -18.43 -4.10 7.20
C LEU A 132 -19.55 -5.10 6.93
N GLN A 133 -20.42 -4.79 5.97
CA GLN A 133 -21.53 -5.69 5.63
C GLN A 133 -21.02 -7.02 5.08
N GLN A 134 -20.02 -6.94 4.20
CA GLN A 134 -19.42 -8.15 3.63
C GLN A 134 -18.85 -9.06 4.73
N ARG A 135 -18.14 -8.47 5.70
CA ARG A 135 -17.62 -9.26 6.82
C ARG A 135 -18.73 -9.89 7.66
N GLU A 136 -19.78 -9.12 7.98
CA GLU A 136 -20.93 -9.64 8.72
C GLU A 136 -21.62 -10.81 8.02
N ALA A 137 -21.60 -10.79 6.69
CA ALA A 137 -22.22 -11.84 5.90
C ALA A 137 -21.26 -13.02 5.66
N ASN A 138 -20.12 -13.00 6.35
CA ASN A 138 -19.06 -14.01 6.18
C ASN A 138 -18.56 -14.13 4.74
N GLN A 139 -18.38 -12.98 4.08
CA GLN A 139 -17.94 -12.93 2.70
C GLN A 139 -16.52 -12.42 2.53
N THR A 140 -15.80 -12.25 3.64
CA THR A 140 -14.45 -11.70 3.61
C THR A 140 -13.55 -12.44 2.60
N ALA A 141 -13.44 -13.76 2.75
CA ALA A 141 -12.58 -14.57 1.88
C ALA A 141 -13.00 -14.44 0.42
N LYS A 142 -14.29 -14.62 0.16
CA LYS A 142 -14.83 -14.49 -1.19
C LYS A 142 -14.45 -13.15 -1.82
N VAL A 143 -14.63 -12.07 -1.06
CA VAL A 143 -14.37 -10.71 -1.55
C VAL A 143 -12.89 -10.46 -1.88
N VAL A 144 -12.00 -10.72 -0.92
CA VAL A 144 -10.57 -10.42 -1.15
C VAL A 144 -9.96 -11.33 -2.24
N LEU A 145 -10.41 -12.58 -2.30
CA LEU A 145 -9.97 -13.50 -3.36
C LEU A 145 -10.46 -13.07 -4.73
N SER A 146 -11.70 -12.57 -4.79
CA SER A 146 -12.27 -12.02 -6.03
C SER A 146 -11.51 -10.79 -6.52
N GLN A 147 -11.17 -9.90 -5.59
CA GLN A 147 -10.38 -8.70 -5.91
C GLN A 147 -8.98 -9.07 -6.37
N THR A 148 -8.36 -10.03 -5.67
CA THR A 148 -7.02 -10.50 -6.00
C THR A 148 -6.98 -11.23 -7.35
N SER A 149 -7.95 -12.10 -7.59
CA SER A 149 -8.02 -12.84 -8.85
C SER A 149 -8.25 -11.92 -10.06
N ALA A 150 -9.04 -10.86 -9.87
CA ALA A 150 -9.26 -9.87 -10.93
C ALA A 150 -7.93 -9.24 -11.35
N ILE A 151 -7.13 -8.86 -10.37
CA ILE A 151 -5.79 -8.32 -10.60
C ILE A 151 -4.89 -9.36 -11.28
N ALA A 152 -4.89 -10.58 -10.72
CA ALA A 152 -4.05 -11.68 -11.20
C ALA A 152 -4.31 -12.02 -12.68
N ALA A 153 -5.57 -11.94 -13.08
CA ALA A 153 -5.99 -12.27 -14.47
C ALA A 153 -5.32 -11.39 -15.53
N LYS A 154 -4.84 -10.21 -15.14
CA LYS A 154 -4.21 -9.28 -16.07
C LYS A 154 -2.70 -9.23 -15.92
N LEU A 155 -2.15 -10.11 -15.08
CA LEU A 155 -0.73 -10.13 -14.79
C LEU A 155 -0.04 -11.39 -15.25
N THR A 156 1.16 -11.23 -15.82
CA THR A 156 2.06 -12.35 -16.07
C THR A 156 2.67 -12.77 -14.74
N LYS A 157 3.19 -13.99 -14.65
CA LYS A 157 3.81 -14.44 -13.39
C LYS A 157 4.93 -13.48 -12.96
N ASP A 158 5.78 -13.10 -13.91
CA ASP A 158 6.93 -12.26 -13.61
C ASP A 158 6.58 -10.85 -13.11
N ALA A 159 5.37 -10.38 -13.46
CA ALA A 159 4.89 -9.07 -13.00
C ALA A 159 4.68 -9.01 -11.48
N TRP A 160 4.47 -10.17 -10.85
CA TRP A 160 4.24 -10.23 -9.40
C TRP A 160 5.42 -9.76 -8.55
N ASN A 161 6.62 -9.75 -9.13
CA ASN A 161 7.79 -9.21 -8.46
C ASN A 161 7.64 -7.71 -8.16
N GLN A 162 6.72 -7.06 -8.88
CA GLN A 162 6.44 -5.63 -8.72
C GLN A 162 5.20 -5.35 -7.87
N VAL A 163 4.51 -6.41 -7.44
CA VAL A 163 3.23 -6.29 -6.75
C VAL A 163 3.38 -6.42 -5.24
N VAL A 164 2.72 -5.52 -4.53
CA VAL A 164 2.57 -5.56 -3.09
C VAL A 164 1.07 -5.51 -2.83
N LEU A 165 0.55 -6.47 -2.08
CA LEU A 165 -0.87 -6.44 -1.72
C LEU A 165 -1.04 -5.73 -0.38
N ALA A 166 -2.06 -4.88 -0.29
CA ALA A 166 -2.43 -4.27 0.97
C ALA A 166 -3.84 -4.69 1.35
N TYR A 167 -3.93 -5.57 2.35
CA TYR A 167 -5.22 -5.96 2.88
C TYR A 167 -5.69 -4.86 3.83
N GLU A 168 -6.76 -4.18 3.43
CA GLU A 168 -7.23 -3.02 4.16
C GLU A 168 -8.75 -3.06 4.30
N PRO A 169 -9.26 -3.72 5.34
CA PRO A 169 -10.71 -3.80 5.52
C PRO A 169 -11.30 -2.39 5.64
N VAL A 170 -12.39 -2.14 4.92
CA VAL A 170 -12.93 -0.79 4.80
C VAL A 170 -13.34 -0.24 6.17
N TRP A 171 -13.89 -1.13 7.00
CA TRP A 171 -14.34 -0.77 8.35
C TRP A 171 -13.22 -0.33 9.30
N ALA A 172 -11.96 -0.59 8.95
CA ALA A 172 -10.82 -0.23 9.78
C ALA A 172 -10.12 1.08 9.33
N ILE A 173 -10.54 1.63 8.19
CA ILE A 173 -9.95 2.87 7.67
C ILE A 173 -10.44 4.11 8.41
N GLY A 174 -9.56 4.73 9.19
CA GLY A 174 -9.85 5.99 9.89
C GLY A 174 -10.92 5.93 10.96
N THR A 175 -11.32 4.72 11.36
CA THR A 175 -12.43 4.52 12.28
C THR A 175 -11.97 4.29 13.71
N GLY A 176 -10.66 4.23 13.93
CA GLY A 176 -10.11 3.91 15.25
C GLY A 176 -10.45 2.49 15.67
N LYS A 177 -10.70 1.61 14.71
CA LYS A 177 -11.02 0.22 14.97
C LYS A 177 -10.14 -0.70 14.12
N VAL A 178 -8.90 -0.87 14.58
CA VAL A 178 -7.92 -1.73 13.94
C VAL A 178 -8.40 -3.18 13.93
N ALA A 179 -8.07 -3.92 12.87
CA ALA A 179 -8.26 -5.37 12.90
C ALA A 179 -7.30 -5.95 13.93
N THR A 180 -7.75 -6.95 14.67
CA THR A 180 -6.86 -7.64 15.62
C THR A 180 -5.78 -8.42 14.85
N PRO A 181 -4.66 -8.75 15.52
CA PRO A 181 -3.64 -9.55 14.87
C PRO A 181 -4.21 -10.86 14.30
N GLU A 182 -5.11 -11.50 15.05
CA GLU A 182 -5.75 -12.74 14.62
C GLU A 182 -6.64 -12.52 13.39
N GLN A 183 -7.42 -11.44 13.38
CA GLN A 183 -8.25 -11.09 12.22
C GLN A 183 -7.40 -10.87 10.97
N ALA A 184 -6.36 -10.04 11.11
CA ALA A 184 -5.49 -9.73 9.99
C ALA A 184 -4.76 -10.96 9.47
N GLN A 185 -4.17 -11.73 10.39
CA GLN A 185 -3.39 -12.91 10.01
C GLN A 185 -4.23 -13.94 9.24
N GLU A 186 -5.48 -14.14 9.68
CA GLU A 186 -6.41 -15.06 9.05
C GLU A 186 -6.57 -14.76 7.56
N VAL A 187 -6.71 -13.47 7.24
CA VAL A 187 -6.89 -13.04 5.85
C VAL A 187 -5.57 -13.11 5.06
N HIS A 188 -4.48 -12.63 5.66
CA HIS A 188 -3.15 -12.75 5.04
C HIS A 188 -2.80 -14.21 4.71
N LEU A 189 -3.11 -15.13 5.62
CA LEU A 189 -2.84 -16.55 5.40
C LEU A 189 -3.59 -17.10 4.18
N LEU A 190 -4.87 -16.75 4.06
CA LEU A 190 -5.70 -17.23 2.95
C LEU A 190 -5.29 -16.57 1.62
N LEU A 191 -4.87 -15.31 1.68
CA LEU A 191 -4.37 -14.62 0.48
C LEU A 191 -3.09 -15.30 -0.02
N ARG A 192 -2.16 -15.57 0.89
CA ARG A 192 -0.89 -16.17 0.50
C ARG A 192 -1.08 -17.60 -0.03
N LYS A 193 -2.01 -18.34 0.56
CA LYS A 193 -2.35 -19.68 0.07
C LYS A 193 -2.88 -19.61 -1.36
N TRP A 194 -3.76 -18.66 -1.63
CA TRP A 194 -4.30 -18.47 -2.98
C TRP A 194 -3.19 -18.13 -3.98
N VAL A 195 -2.31 -17.22 -3.59
CA VAL A 195 -1.19 -16.85 -4.46
C VAL A 195 -0.27 -18.05 -4.70
N SER A 196 0.01 -18.83 -3.65
CA SER A 196 0.83 -20.03 -3.77
C SER A 196 0.26 -21.01 -4.80
N GLU A 197 -1.05 -21.25 -4.70
CA GLU A 197 -1.74 -22.25 -5.54
C GLU A 197 -1.99 -21.80 -6.98
N ASN A 198 -2.25 -20.50 -7.14
CA ASN A 198 -2.65 -19.94 -8.44
C ASN A 198 -1.54 -19.27 -9.22
N ILE A 199 -0.56 -18.71 -8.52
CA ILE A 199 0.54 -18.00 -9.16
C ILE A 199 1.85 -18.77 -9.03
N GLY A 200 2.18 -19.21 -7.83
CA GLY A 200 3.38 -20.03 -7.63
C GLY A 200 3.91 -19.96 -6.21
N THR A 201 4.53 -21.05 -5.76
CA THR A 201 5.04 -21.14 -4.39
C THR A 201 6.17 -20.14 -4.18
N ASP A 202 6.95 -19.93 -5.24
CA ASP A 202 8.04 -18.94 -5.23
C ASP A 202 7.53 -17.51 -5.09
N VAL A 203 6.49 -17.18 -5.87
CA VAL A 203 5.85 -15.86 -5.82
C VAL A 203 5.24 -15.60 -4.42
N ALA A 204 4.58 -16.61 -3.87
CA ALA A 204 3.93 -16.52 -2.55
C ALA A 204 4.93 -16.23 -1.43
N ALA A 205 6.08 -16.89 -1.49
CA ALA A 205 7.16 -16.72 -0.50
C ALA A 205 7.76 -15.32 -0.49
N LYS A 206 7.80 -14.69 -1.66
CA LYS A 206 8.40 -13.37 -1.82
C LYS A 206 7.40 -12.22 -1.70
N LEU A 207 6.12 -12.54 -1.78
CA LEU A 207 5.06 -11.52 -1.82
C LEU A 207 4.88 -10.80 -0.49
N ARG A 208 4.96 -9.47 -0.53
CA ARG A 208 4.63 -8.66 0.62
C ARG A 208 3.12 -8.46 0.66
N ILE A 209 2.52 -8.87 1.77
CA ILE A 209 1.11 -8.58 2.02
C ILE A 209 1.06 -7.69 3.27
N LEU A 210 0.66 -6.45 3.06
CA LEU A 210 0.64 -5.44 4.11
C LEU A 210 -0.75 -5.36 4.72
N TYR A 211 -0.81 -5.00 6.00
CA TYR A 211 -2.09 -4.69 6.63
C TYR A 211 -2.29 -3.18 6.71
N GLY A 212 -3.51 -2.72 6.43
CA GLY A 212 -3.86 -1.32 6.60
C GLY A 212 -5.21 -1.11 7.27
N GLY A 213 -5.32 -0.04 8.05
CA GLY A 213 -6.57 0.29 8.72
C GLY A 213 -6.32 0.49 10.20
N SER A 214 -6.24 1.76 10.61
CA SER A 214 -6.01 2.18 12.00
C SER A 214 -4.71 1.66 12.63
N VAL A 215 -3.70 1.40 11.80
CA VAL A 215 -2.37 1.07 12.33
C VAL A 215 -1.80 2.28 13.07
N ASN A 216 -1.24 2.05 14.25
CA ASN A 216 -0.53 3.09 14.99
C ASN A 216 0.70 2.53 15.70
N ALA A 217 1.46 3.41 16.34
CA ALA A 217 2.69 3.05 17.04
C ALA A 217 2.50 1.96 18.09
N ALA A 218 1.33 1.94 18.73
CA ALA A 218 1.10 0.98 19.83
C ALA A 218 0.65 -0.41 19.38
N ASN A 219 -0.03 -0.51 18.24
CA ASN A 219 -0.57 -1.79 17.81
C ASN A 219 0.27 -2.48 16.75
N ALA A 220 1.25 -1.78 16.20
CA ALA A 220 1.99 -2.26 15.04
C ALA A 220 2.85 -3.50 15.29
N ALA A 221 3.59 -3.54 16.40
CA ALA A 221 4.50 -4.65 16.69
C ALA A 221 3.78 -6.00 16.80
N THR A 222 2.66 -6.03 17.50
CA THR A 222 1.89 -7.26 17.69
C THR A 222 1.24 -7.73 16.39
N LEU A 223 0.87 -6.78 15.53
CA LEU A 223 0.43 -7.13 14.17
C LEU A 223 1.59 -7.75 13.38
N TYR A 224 2.75 -7.09 13.40
CA TYR A 224 3.91 -7.59 12.66
C TYR A 224 4.41 -8.95 13.13
N ALA A 225 4.16 -9.29 14.40
CA ALA A 225 4.57 -10.59 14.94
C ALA A 225 3.88 -11.78 14.24
N LYS A 226 2.75 -11.54 13.59
CA LYS A 226 2.04 -12.60 12.87
C LYS A 226 2.80 -13.03 11.60
N PRO A 227 2.86 -14.35 11.32
CA PRO A 227 3.78 -14.86 10.29
C PRO A 227 3.55 -14.40 8.85
N ASP A 228 2.34 -13.96 8.51
CA ASP A 228 2.02 -13.60 7.12
C ASP A 228 1.73 -12.11 6.90
N ILE A 229 2.06 -11.30 7.89
CA ILE A 229 1.97 -9.83 7.79
C ILE A 229 3.37 -9.27 7.54
N ASN A 230 3.51 -8.53 6.44
CA ASN A 230 4.81 -8.07 5.98
C ASN A 230 4.99 -6.56 6.09
N GLY A 231 4.16 -5.92 6.91
CA GLY A 231 4.25 -4.47 7.09
C GLY A 231 2.90 -3.82 6.98
N PHE A 232 2.90 -2.50 6.72
CA PHE A 232 1.70 -1.69 6.92
C PHE A 232 1.50 -0.61 5.86
N LEU A 233 0.23 -0.36 5.56
CA LEU A 233 -0.18 0.83 4.83
C LEU A 233 -0.91 1.72 5.84
N VAL A 234 -0.30 2.87 6.10
CA VAL A 234 -0.67 3.74 7.23
C VAL A 234 -1.25 5.06 6.73
N GLY A 235 -2.44 5.40 7.21
CA GLY A 235 -3.06 6.68 6.90
C GLY A 235 -2.74 7.70 7.96
N GLY A 236 -3.67 7.90 8.89
CA GLY A 236 -3.58 8.93 9.94
C GLY A 236 -2.26 9.02 10.68
N ALA A 237 -1.75 7.88 11.13
CA ALA A 237 -0.53 7.87 11.94
C ALA A 237 0.72 8.21 11.13
N SER A 238 0.63 8.14 9.80
CA SER A 238 1.77 8.45 8.93
C SER A 238 1.99 9.95 8.76
N LEU A 239 1.04 10.75 9.23
CA LEU A 239 1.16 12.22 9.24
C LEU A 239 1.82 12.72 10.53
N LYS A 240 2.22 11.78 11.39
CA LYS A 240 2.73 12.09 12.72
C LYS A 240 4.10 11.46 12.94
N PRO A 241 4.87 11.98 13.92
CA PRO A 241 6.19 11.43 14.28
C PRO A 241 6.15 9.95 14.65
N GLU A 242 4.99 9.45 15.08
CA GLU A 242 4.87 8.03 15.44
C GLU A 242 5.03 7.07 14.25
N PHE A 243 5.08 7.59 13.03
CA PHE A 243 5.41 6.75 11.87
C PHE A 243 6.78 6.10 12.05
N ARG A 244 7.68 6.79 12.74
CA ARG A 244 8.98 6.22 13.11
C ARG A 244 8.85 4.91 13.88
N ASP A 245 7.93 4.89 14.85
CA ASP A 245 7.67 3.71 15.67
C ASP A 245 7.09 2.56 14.85
N ILE A 246 6.24 2.90 13.88
CA ILE A 246 5.64 1.90 13.00
C ILE A 246 6.70 1.24 12.13
N ILE A 247 7.61 2.04 11.57
CA ILE A 247 8.77 1.51 10.85
C ILE A 247 9.55 0.53 11.74
N ASP A 248 9.85 0.96 12.96
CA ASP A 248 10.65 0.15 13.88
C ASP A 248 9.91 -1.11 14.37
N ALA A 249 8.59 -1.12 14.25
CA ALA A 249 7.77 -2.28 14.57
C ALA A 249 7.88 -3.40 13.54
N THR A 250 8.58 -3.13 12.43
CA THR A 250 8.84 -4.18 11.43
C THR A 250 10.22 -4.83 11.62
N ARG A 251 10.87 -4.55 12.75
CA ARG A 251 12.16 -5.17 13.11
C ARG A 251 11.95 -6.63 13.51
#